data_2LKF
#
_entry.id   2LKF
#
_cell.length_a   49.220
_cell.length_b   49.520
_cell.length_c   127.530
_cell.angle_alpha   90.00
_cell.angle_beta   90.00
_cell.angle_gamma   90.00
#
_symmetry.space_group_name_H-M   'P 21 21 21'
#
loop_
_entity.id
_entity.type
_entity.pdbx_description
1 polymer 'LEUKOCIDIN F SUBUNIT'
2 water water
#
_entity_poly.entity_id   1
_entity_poly.type   'polypeptide(L)'
_entity_poly.pdbx_seq_one_letter_code
;EGKITPVSVKKVDDKVTLYKTTATADSDKFKISQILTFNFIKDKSYDKDTLVLKATGNINSGFVKPNPNDYDFSKLYWGA
KYNVSISSQSNDSVNVVDYAPKNQNEEFQVQNTLGYTFGGDISISNGLSGGLNGNTAFSETINYKQESYRTTLSRNTNYK
NVGWGVEAHKIMNNGWGPYGRDSFHPTYGNELFLAGRQSSAYAGQNFIAQHQMPLLSRSNFNPEFLSVLSHRQDGAKKSK
ITVTYQREMDLYQIRWNGFYWAGANYKNFKTRTFKSTYEIDWENHKVKLLDTKETENNK
;
_entity_poly.pdbx_strand_id   A
#
# COMPACT_ATOMS: atom_id res chain seq x y z
N GLU A 1 -10.35 -12.56 -15.22
CA GLU A 1 -9.76 -11.77 -14.08
C GLU A 1 -8.60 -10.89 -14.55
N GLY A 2 -7.47 -11.54 -14.85
CA GLY A 2 -6.27 -10.83 -15.31
C GLY A 2 -5.19 -11.81 -15.72
N LYS A 3 -4.16 -11.32 -16.42
CA LYS A 3 -3.10 -12.22 -16.85
C LYS A 3 -1.70 -11.55 -16.88
N ILE A 4 -0.72 -12.24 -17.48
CA ILE A 4 0.65 -11.78 -17.62
C ILE A 4 0.90 -11.31 -19.06
N THR A 5 1.67 -10.24 -19.24
CA THR A 5 1.98 -9.76 -20.59
C THR A 5 3.28 -10.39 -21.11
N PRO A 6 3.38 -10.61 -22.43
CA PRO A 6 4.60 -11.20 -22.97
C PRO A 6 5.76 -10.29 -22.63
N VAL A 7 6.95 -10.87 -22.49
CA VAL A 7 8.13 -10.08 -22.15
C VAL A 7 8.46 -9.09 -23.28
N SER A 8 8.80 -7.86 -22.90
CA SER A 8 9.15 -6.82 -23.86
C SER A 8 10.64 -6.58 -23.66
N VAL A 9 11.36 -6.36 -24.76
CA VAL A 9 12.82 -6.14 -24.72
C VAL A 9 13.23 -4.70 -25.03
N LYS A 10 14.18 -4.18 -24.26
CA LYS A 10 14.65 -2.83 -24.47
C LYS A 10 16.17 -2.79 -24.27
N LYS A 11 16.91 -2.99 -25.35
CA LYS A 11 18.35 -2.95 -25.25
C LYS A 11 18.75 -1.51 -24.92
N VAL A 12 19.82 -1.38 -24.13
CA VAL A 12 20.36 -0.09 -23.70
C VAL A 12 21.84 -0.06 -24.06
N ASP A 13 22.51 -1.19 -23.84
CA ASP A 13 23.93 -1.30 -24.08
C ASP A 13 24.35 -2.67 -24.55
N ASP A 14 25.65 -2.79 -24.78
CA ASP A 14 26.26 -4.05 -25.15
C ASP A 14 26.18 -4.84 -23.86
N LYS A 15 26.17 -4.11 -22.74
CA LYS A 15 26.10 -4.69 -21.40
C LYS A 15 24.69 -4.81 -20.80
N VAL A 16 23.97 -3.68 -20.78
CA VAL A 16 22.61 -3.56 -20.19
C VAL A 16 21.36 -3.71 -21.09
N THR A 17 20.50 -4.65 -20.74
CA THR A 17 19.25 -4.88 -21.48
C THR A 17 18.11 -4.96 -20.44
N LEU A 18 16.92 -4.46 -20.80
CA LEU A 18 15.76 -4.44 -19.90
C LEU A 18 14.57 -5.25 -20.42
N TYR A 19 14.04 -6.14 -19.57
CA TYR A 19 12.90 -6.98 -19.94
C TYR A 19 11.71 -6.69 -19.04
N LYS A 20 10.56 -6.40 -19.66
CA LYS A 20 9.35 -6.08 -18.92
C LYS A 20 8.16 -6.99 -19.19
N THR A 21 7.54 -7.44 -18.11
CA THR A 21 6.36 -8.26 -18.15
C THR A 21 5.49 -7.69 -16.98
N THR A 22 4.18 -7.70 -17.15
CA THR A 22 3.23 -7.17 -16.17
C THR A 22 2.17 -8.20 -15.76
N ALA A 23 2.04 -8.44 -14.47
CA ALA A 23 1.03 -9.36 -13.98
C ALA A 23 -0.08 -8.58 -13.29
N THR A 24 -1.32 -9.11 -13.38
CA THR A 24 -2.49 -8.47 -12.76
C THR A 24 -3.39 -9.50 -12.09
N ALA A 25 -3.64 -9.33 -10.81
CA ALA A 25 -4.49 -10.25 -10.05
C ALA A 25 -5.51 -9.42 -9.31
N ASP A 26 -6.77 -9.86 -9.35
CA ASP A 26 -7.87 -9.13 -8.72
C ASP A 26 -8.68 -9.95 -7.73
N SER A 27 -9.14 -9.27 -6.69
CA SER A 27 -10.00 -9.85 -5.67
C SER A 27 -11.23 -8.99 -5.89
N ASP A 28 -12.21 -9.49 -6.64
CA ASP A 28 -13.40 -8.70 -6.89
C ASP A 28 -14.26 -8.62 -5.63
N LYS A 29 -14.17 -9.65 -4.79
CA LYS A 29 -14.92 -9.68 -3.56
C LYS A 29 -14.44 -8.51 -2.68
N PHE A 30 -13.14 -8.45 -2.38
CA PHE A 30 -12.57 -7.40 -1.54
C PHE A 30 -12.24 -6.11 -2.29
N LYS A 31 -12.51 -6.07 -3.58
CA LYS A 31 -12.23 -4.90 -4.39
C LYS A 31 -10.79 -4.41 -4.26
N ILE A 32 -9.86 -5.36 -4.33
CA ILE A 32 -8.42 -5.08 -4.29
C ILE A 32 -7.89 -5.54 -5.63
N SER A 33 -7.13 -4.68 -6.28
CA SER A 33 -6.57 -4.98 -7.59
C SER A 33 -5.06 -4.77 -7.54
N GLN A 34 -4.29 -5.83 -7.78
CA GLN A 34 -2.83 -5.70 -7.79
C GLN A 34 -2.40 -5.61 -9.23
N ILE A 35 -1.33 -4.89 -9.47
CA ILE A 35 -0.78 -4.73 -10.82
C ILE A 35 0.73 -4.74 -10.58
N LEU A 36 1.40 -5.81 -11.01
CA LEU A 36 2.84 -5.93 -10.80
C LEU A 36 3.70 -5.88 -12.04
N THR A 37 4.51 -4.82 -12.17
CA THR A 37 5.38 -4.64 -13.31
C THR A 37 6.80 -5.02 -12.95
N PHE A 38 7.28 -6.13 -13.53
CA PHE A 38 8.64 -6.65 -13.28
C PHE A 38 9.64 -6.12 -14.31
N ASN A 39 10.70 -5.47 -13.84
CA ASN A 39 11.72 -4.93 -14.74
C ASN A 39 13.04 -5.63 -14.46
N PHE A 40 13.37 -6.59 -15.32
CA PHE A 40 14.61 -7.34 -15.21
C PHE A 40 15.74 -6.57 -15.86
N ILE A 41 16.78 -6.30 -15.10
CA ILE A 41 17.90 -5.54 -15.63
C ILE A 41 19.15 -6.39 -15.73
N LYS A 42 19.48 -6.81 -16.94
CA LYS A 42 20.68 -7.60 -17.16
C LYS A 42 21.83 -6.69 -17.57
N ASP A 43 22.78 -6.54 -16.66
CA ASP A 43 23.93 -5.70 -16.88
C ASP A 43 25.14 -6.60 -16.85
N LYS A 44 25.87 -6.61 -17.96
CA LYS A 44 27.06 -7.44 -18.08
C LYS A 44 28.24 -6.92 -17.24
N SER A 45 28.21 -5.65 -16.85
CA SER A 45 29.28 -5.09 -16.04
C SER A 45 29.03 -5.13 -14.55
N TYR A 46 28.11 -6.00 -14.12
CA TYR A 46 27.75 -6.18 -12.72
C TYR A 46 27.52 -7.67 -12.53
N ASP A 47 28.03 -8.23 -11.44
CA ASP A 47 27.86 -9.67 -11.15
C ASP A 47 26.59 -10.04 -10.40
N LYS A 48 25.52 -9.31 -10.65
CA LYS A 48 24.24 -9.54 -10.00
C LYS A 48 23.07 -9.09 -10.88
N ASP A 49 22.07 -9.95 -10.99
CA ASP A 49 20.87 -9.64 -11.77
C ASP A 49 20.02 -8.76 -10.86
N THR A 50 19.38 -7.75 -11.45
CA THR A 50 18.54 -6.86 -10.66
C THR A 50 17.12 -6.88 -11.17
N LEU A 51 16.18 -6.91 -10.23
CA LEU A 51 14.76 -6.92 -10.56
C LEU A 51 14.13 -5.76 -9.82
N VAL A 52 13.63 -4.79 -10.57
CA VAL A 52 12.95 -3.64 -9.99
C VAL A 52 11.46 -3.86 -10.23
N LEU A 53 10.77 -4.30 -9.19
CA LEU A 53 9.34 -4.57 -9.23
C LEU A 53 8.55 -3.36 -8.73
N LYS A 54 7.58 -2.93 -9.51
CA LYS A 54 6.73 -1.81 -9.16
C LYS A 54 5.31 -2.29 -9.04
N ALA A 55 4.76 -2.15 -7.84
CA ALA A 55 3.42 -2.57 -7.53
C ALA A 55 2.45 -1.39 -7.48
N THR A 56 1.44 -1.46 -8.33
CA THR A 56 0.42 -0.43 -8.42
C THR A 56 -0.93 -1.14 -8.26
N GLY A 57 -2.02 -0.46 -8.59
CA GLY A 57 -3.35 -1.07 -8.48
C GLY A 57 -4.34 -0.30 -7.61
N ASN A 58 -5.11 -1.01 -6.80
CA ASN A 58 -6.07 -0.35 -5.94
C ASN A 58 -6.51 -1.21 -4.78
N ILE A 59 -6.73 -0.55 -3.65
CA ILE A 59 -7.23 -1.22 -2.46
C ILE A 59 -8.44 -0.41 -2.08
N ASN A 60 -9.61 -1.04 -2.10
CA ASN A 60 -10.84 -0.34 -1.73
C ASN A 60 -10.84 -0.06 -0.22
N SER A 61 -11.46 1.05 0.13
CA SER A 61 -11.58 1.54 1.49
C SER A 61 -12.32 0.58 2.39
N GLY A 62 -13.42 0.04 1.87
CA GLY A 62 -14.26 -0.87 2.62
C GLY A 62 -15.33 -0.10 3.38
N PHE A 63 -15.31 1.22 3.25
CA PHE A 63 -16.23 2.14 3.92
C PHE A 63 -17.71 1.76 3.91
N VAL A 64 -18.27 1.57 5.10
CA VAL A 64 -19.68 1.24 5.30
C VAL A 64 -20.32 2.44 5.97
N LYS A 65 -21.15 3.17 5.22
CA LYS A 65 -21.80 4.37 5.77
C LYS A 65 -22.77 4.07 6.90
N PRO A 66 -23.17 5.12 7.65
CA PRO A 66 -24.10 4.91 8.76
C PRO A 66 -25.56 5.04 8.30
N ASN A 67 -26.45 4.31 8.99
CA ASN A 67 -27.90 4.35 8.75
C ASN A 67 -28.36 5.67 9.39
N PRO A 68 -28.97 6.58 8.60
CA PRO A 68 -29.43 7.86 9.17
C PRO A 68 -30.57 7.86 10.19
N ASN A 69 -31.21 6.72 10.39
CA ASN A 69 -32.32 6.61 11.33
C ASN A 69 -31.94 6.17 12.74
N ASP A 70 -30.66 5.92 12.97
CA ASP A 70 -30.18 5.51 14.30
C ASP A 70 -30.29 6.74 15.20
N TYR A 71 -30.98 6.66 16.33
CA TYR A 71 -31.14 7.85 17.17
C TYR A 71 -30.09 8.17 18.22
N ASP A 72 -29.77 7.23 19.09
CA ASP A 72 -28.79 7.52 20.13
C ASP A 72 -27.41 6.91 19.95
N PHE A 73 -27.34 5.83 19.19
CA PHE A 73 -26.08 5.16 18.93
C PHE A 73 -25.97 4.86 17.45
N SER A 74 -24.81 5.12 16.86
CA SER A 74 -24.62 4.82 15.44
C SER A 74 -23.18 4.43 15.20
N LYS A 75 -22.93 3.68 14.13
CA LYS A 75 -21.59 3.26 13.82
C LYS A 75 -21.31 3.27 12.32
N LEU A 76 -20.02 3.33 11.97
CA LEU A 76 -19.55 3.33 10.59
C LEU A 76 -18.25 2.54 10.53
N TYR A 77 -17.85 2.14 9.32
CA TYR A 77 -16.60 1.40 9.04
C TYR A 77 -15.81 2.22 8.01
N TRP A 78 -14.53 2.47 8.31
CA TRP A 78 -13.69 3.23 7.40
C TRP A 78 -12.35 2.57 7.19
N GLY A 79 -11.67 2.99 6.12
CA GLY A 79 -10.35 2.47 5.82
C GLY A 79 -9.32 3.28 6.58
N ALA A 80 -8.78 2.67 7.64
CA ALA A 80 -7.83 3.33 8.51
C ALA A 80 -6.37 3.12 8.19
N LYS A 81 -6.05 1.96 7.62
CA LYS A 81 -4.69 1.63 7.25
C LYS A 81 -4.62 0.69 6.06
N TYR A 82 -3.66 0.94 5.17
CA TYR A 82 -3.43 0.11 3.97
C TYR A 82 -2.01 -0.41 4.07
N ASN A 83 -1.85 -1.73 4.08
CA ASN A 83 -0.53 -2.37 4.17
C ASN A 83 -0.20 -3.14 2.89
N VAL A 84 1.02 -2.92 2.38
CA VAL A 84 1.50 -3.60 1.17
C VAL A 84 2.81 -4.30 1.48
N SER A 85 2.88 -5.60 1.19
CA SER A 85 4.08 -6.38 1.45
C SER A 85 4.54 -7.15 0.24
N ILE A 86 5.87 -7.19 0.06
CA ILE A 86 6.51 -7.92 -1.03
C ILE A 86 7.42 -8.92 -0.31
N SER A 87 7.41 -10.17 -0.74
CA SER A 87 8.22 -11.18 -0.05
C SER A 87 8.85 -12.24 -0.95
N SER A 88 10.17 -12.39 -0.91
CA SER A 88 10.84 -13.44 -1.71
C SER A 88 10.82 -14.66 -0.81
N GLN A 89 10.04 -15.66 -1.21
CA GLN A 89 9.83 -16.84 -0.39
C GLN A 89 10.64 -18.09 -0.75
N SER A 90 11.81 -17.90 -1.36
CA SER A 90 12.66 -19.02 -1.75
C SER A 90 13.95 -18.57 -2.44
N ASN A 91 14.91 -19.50 -2.53
CA ASN A 91 16.20 -19.27 -3.16
C ASN A 91 17.06 -18.27 -2.39
N ASP A 92 18.11 -18.77 -1.74
CA ASP A 92 19.02 -17.91 -0.96
C ASP A 92 19.96 -17.04 -1.77
N SER A 93 19.71 -16.98 -3.07
CA SER A 93 20.53 -16.16 -3.95
C SER A 93 19.79 -14.87 -4.23
N VAL A 94 18.53 -14.83 -3.81
CA VAL A 94 17.68 -13.65 -4.01
C VAL A 94 17.49 -12.94 -2.69
N ASN A 95 17.74 -11.63 -2.68
CA ASN A 95 17.59 -10.78 -1.50
C ASN A 95 17.02 -9.44 -1.93
N VAL A 96 16.21 -8.83 -1.07
CA VAL A 96 15.62 -7.53 -1.36
C VAL A 96 16.67 -6.52 -0.94
N VAL A 97 17.35 -5.92 -1.91
CA VAL A 97 18.41 -4.94 -1.62
C VAL A 97 18.03 -3.45 -1.56
N ASP A 98 16.82 -3.10 -1.99
CA ASP A 98 16.39 -1.71 -1.96
C ASP A 98 14.89 -1.62 -2.16
N TYR A 99 14.36 -0.40 -2.09
CA TYR A 99 12.92 -0.15 -2.19
C TYR A 99 12.58 1.32 -1.98
N ALA A 100 11.38 1.71 -2.40
CA ALA A 100 10.85 3.07 -2.29
C ALA A 100 9.34 3.05 -2.04
N PRO A 101 8.84 3.86 -1.09
CA PRO A 101 9.63 4.79 -0.27
C PRO A 101 10.47 4.06 0.78
N LYS A 102 11.54 4.70 1.25
CA LYS A 102 12.39 4.09 2.25
C LYS A 102 12.35 4.80 3.62
N ASN A 103 11.73 5.99 3.65
CA ASN A 103 11.61 6.80 4.86
C ASN A 103 10.16 7.11 5.21
N GLN A 104 9.94 7.61 6.42
CA GLN A 104 8.62 8.02 6.86
C GLN A 104 8.22 9.19 5.97
N ASN A 105 6.96 9.22 5.58
CA ASN A 105 6.49 10.27 4.69
C ASN A 105 5.05 10.67 4.99
N GLU A 106 4.85 11.89 5.45
CA GLU A 106 3.53 12.37 5.75
C GLU A 106 3.06 13.42 4.77
N GLU A 107 3.76 13.56 3.65
CA GLU A 107 3.36 14.53 2.63
C GLU A 107 2.09 14.06 1.97
N PHE A 108 1.28 15.00 1.51
CA PHE A 108 0.04 14.66 0.84
C PHE A 108 0.29 13.81 -0.39
N GLN A 109 1.52 13.88 -0.90
CA GLN A 109 1.89 13.18 -2.12
C GLN A 109 3.29 12.58 -2.03
N VAL A 110 3.37 11.25 -1.93
CA VAL A 110 4.65 10.54 -1.86
C VAL A 110 5.23 10.34 -3.26
N GLN A 111 6.37 10.99 -3.52
CA GLN A 111 7.04 10.95 -4.83
C GLN A 111 8.52 10.64 -4.74
N ASN A 112 8.93 9.51 -5.30
CA ASN A 112 10.34 9.07 -5.31
C ASN A 112 10.79 8.66 -6.73
N THR A 113 12.11 8.54 -6.94
CA THR A 113 12.68 8.15 -8.24
C THR A 113 13.74 7.06 -8.05
N LEU A 114 13.72 6.03 -8.91
CA LEU A 114 14.67 4.94 -8.84
C LEU A 114 15.58 5.03 -10.05
N GLY A 115 16.88 5.17 -9.81
CA GLY A 115 17.84 5.24 -10.90
C GLY A 115 18.81 4.07 -10.90
N TYR A 116 19.01 3.45 -12.06
CA TYR A 116 19.97 2.35 -12.19
C TYR A 116 21.12 2.81 -13.09
N THR A 117 22.31 2.89 -12.52
CA THR A 117 23.52 3.29 -13.24
C THR A 117 24.20 2.06 -13.78
N PHE A 118 24.79 2.18 -14.97
CA PHE A 118 25.53 1.07 -15.58
C PHE A 118 26.55 0.65 -14.54
N GLY A 119 26.55 -0.63 -14.18
CA GLY A 119 27.48 -1.13 -13.20
C GLY A 119 26.81 -1.67 -11.96
N GLY A 120 25.49 -1.55 -11.88
CA GLY A 120 24.76 -2.04 -10.73
C GLY A 120 24.51 -1.06 -9.59
N ASP A 121 24.83 0.21 -9.80
CA ASP A 121 24.63 1.21 -8.76
C ASP A 121 23.18 1.75 -8.79
N ILE A 122 22.45 1.55 -7.69
CA ILE A 122 21.06 2.03 -7.57
C ILE A 122 20.95 3.15 -6.52
N SER A 123 20.02 4.07 -6.73
CA SER A 123 19.81 5.17 -5.81
C SER A 123 18.39 5.68 -5.90
N ILE A 124 17.73 5.82 -4.75
CA ILE A 124 16.35 6.34 -4.66
C ILE A 124 16.41 7.81 -4.18
N SER A 125 15.58 8.67 -4.76
CA SER A 125 15.57 10.10 -4.40
C SER A 125 14.18 10.69 -4.24
N ASN A 126 14.01 11.58 -3.27
CA ASN A 126 12.72 12.24 -3.01
C ASN A 126 12.36 13.32 -4.05
N GLY A 127 11.59 12.95 -5.07
CA GLY A 127 11.20 13.90 -6.08
C GLY A 127 10.77 13.27 -7.39
N LEU A 128 11.13 13.93 -8.50
CA LEU A 128 10.79 13.49 -9.86
C LEU A 128 11.97 13.16 -10.80
N LEU A 132 18.74 10.67 -12.92
CA LEU A 132 19.90 11.57 -13.13
C LEU A 132 20.22 11.70 -14.63
N ASN A 133 19.52 10.90 -15.44
CA ASN A 133 19.68 10.90 -16.90
C ASN A 133 21.12 10.83 -17.42
N GLY A 134 21.30 10.29 -18.63
CA GLY A 134 22.62 10.18 -19.20
C GLY A 134 23.41 9.07 -18.54
N ASN A 135 23.71 9.24 -17.25
CA ASN A 135 24.45 8.25 -16.47
C ASN A 135 23.61 7.03 -16.08
N THR A 136 22.29 7.17 -16.15
CA THR A 136 21.39 6.11 -15.75
C THR A 136 20.77 5.26 -16.87
N ALA A 137 20.90 3.95 -16.70
CA ALA A 137 20.41 2.95 -17.62
C ALA A 137 18.93 2.67 -17.54
N PHE A 138 18.38 2.85 -16.34
CA PHE A 138 16.98 2.57 -16.07
C PHE A 138 16.49 3.38 -14.90
N SER A 139 15.27 3.87 -15.01
CA SER A 139 14.65 4.61 -13.92
C SER A 139 13.13 4.40 -13.90
N GLU A 140 12.58 4.38 -12.69
CA GLU A 140 11.13 4.25 -12.45
C GLU A 140 10.78 5.25 -11.37
N THR A 141 9.48 5.50 -11.22
CA THR A 141 8.97 6.44 -10.22
C THR A 141 7.74 5.93 -9.50
N ILE A 142 7.55 6.41 -8.27
CA ILE A 142 6.36 6.09 -7.50
C ILE A 142 5.67 7.43 -7.24
N ASN A 143 4.35 7.42 -7.37
CA ASN A 143 3.58 8.64 -7.19
C ASN A 143 2.15 8.34 -6.71
N TYR A 144 1.90 8.62 -5.43
CA TYR A 144 0.60 8.37 -4.86
C TYR A 144 0.16 9.36 -3.80
N LYS A 145 -1.14 9.69 -3.83
CA LYS A 145 -1.77 10.58 -2.88
C LYS A 145 -2.11 9.81 -1.61
N GLN A 146 -1.88 10.43 -0.45
CA GLN A 146 -2.17 9.85 0.87
C GLN A 146 -2.55 10.99 1.81
N GLU A 147 -3.44 11.87 1.35
CA GLU A 147 -3.81 13.01 2.16
C GLU A 147 -4.42 12.61 3.50
N SER A 148 -3.90 13.20 4.57
CA SER A 148 -4.34 12.97 5.95
C SER A 148 -3.77 11.68 6.56
N TYR A 149 -3.01 10.94 5.76
CA TYR A 149 -2.37 9.69 6.22
C TYR A 149 -0.86 9.82 6.18
N ARG A 150 -0.14 8.83 6.73
CA ARG A 150 1.31 8.82 6.68
C ARG A 150 1.84 7.42 6.36
N THR A 151 2.94 7.36 5.61
CA THR A 151 3.60 6.11 5.22
C THR A 151 4.76 5.81 6.15
N THR A 152 4.96 4.54 6.42
CA THR A 152 6.04 4.10 7.28
C THR A 152 6.38 2.66 6.87
N LEU A 153 7.65 2.31 6.93
CA LEU A 153 8.05 0.94 6.62
C LEU A 153 7.59 -0.01 7.71
N SER A 154 7.22 -1.21 7.30
CA SER A 154 6.83 -2.26 8.23
C SER A 154 8.08 -2.61 9.06
N ARG A 155 7.88 -3.12 10.27
CA ARG A 155 8.99 -3.44 11.16
C ARG A 155 9.77 -4.74 10.88
N ASN A 156 9.22 -5.60 10.02
CA ASN A 156 9.82 -6.89 9.66
C ASN A 156 10.52 -6.85 8.30
N THR A 157 10.94 -5.66 7.89
CA THR A 157 11.63 -5.47 6.62
C THR A 157 13.11 -5.83 6.72
N ASN A 158 13.52 -6.83 5.94
CA ASN A 158 14.90 -7.29 5.95
C ASN A 158 15.43 -7.74 4.58
N TYR A 159 16.41 -8.63 4.62
CA TYR A 159 17.06 -9.18 3.44
C TYR A 159 16.11 -9.96 2.53
N LYS A 160 14.97 -10.42 3.06
CA LYS A 160 14.03 -11.17 2.24
C LYS A 160 12.57 -10.72 2.33
N ASN A 161 12.36 -9.48 2.77
CA ASN A 161 11.01 -8.93 2.88
C ASN A 161 11.00 -7.42 3.06
N VAL A 162 10.03 -6.76 2.42
CA VAL A 162 9.83 -5.32 2.57
C VAL A 162 8.33 -5.04 2.54
N GLY A 163 7.85 -4.19 3.45
CA GLY A 163 6.44 -3.86 3.51
C GLY A 163 6.21 -2.40 3.92
N TRP A 164 5.04 -1.85 3.63
CA TRP A 164 4.76 -0.46 3.99
C TRP A 164 3.37 -0.32 4.57
N GLY A 165 3.16 0.72 5.35
CA GLY A 165 1.85 0.95 5.95
C GLY A 165 1.48 2.40 5.77
N VAL A 166 0.31 2.65 5.19
CA VAL A 166 -0.17 4.02 4.98
C VAL A 166 -1.36 4.16 5.92
N GLU A 167 -1.11 4.80 7.07
CA GLU A 167 -2.10 4.96 8.12
C GLU A 167 -2.72 6.35 8.31
N ALA A 168 -3.90 6.41 8.91
CA ALA A 168 -4.54 7.68 9.18
C ALA A 168 -3.63 8.38 10.18
N HIS A 169 -3.26 9.63 9.89
CA HIS A 169 -2.34 10.39 10.74
C HIS A 169 -2.91 11.68 11.34
N LYS A 170 -3.18 12.66 10.48
CA LYS A 170 -3.72 13.95 10.90
C LYS A 170 -5.03 14.28 10.15
N ILE A 171 -6.15 13.77 10.64
CA ILE A 171 -7.45 14.00 10.03
C ILE A 171 -8.13 15.18 10.73
N MET A 172 -8.48 16.21 9.96
CA MET A 172 -9.13 17.41 10.49
C MET A 172 -10.62 17.29 10.30
N ASN A 173 -11.36 17.33 11.41
CA ASN A 173 -12.81 17.25 11.39
C ASN A 173 -13.28 18.43 10.55
N ASN A 174 -12.92 19.63 11.00
CA ASN A 174 -13.23 20.87 10.30
C ASN A 174 -12.13 21.80 10.74
N GLY A 175 -12.41 22.65 11.74
CA GLY A 175 -11.40 23.54 12.27
C GLY A 175 -10.80 22.84 13.47
N TRP A 176 -11.29 21.63 13.72
CA TRP A 176 -10.88 20.81 14.85
C TRP A 176 -10.04 19.63 14.47
N GLY A 177 -9.13 19.29 15.35
CA GLY A 177 -8.27 18.18 15.09
C GLY A 177 -6.87 18.66 15.30
N PRO A 178 -5.86 17.96 14.76
CA PRO A 178 -6.01 16.72 13.98
C PRO A 178 -6.35 15.54 14.87
N TYR A 179 -7.05 14.56 14.30
CA TYR A 179 -7.42 13.37 15.04
C TYR A 179 -6.87 12.14 14.33
N GLY A 180 -6.90 10.99 14.99
CA GLY A 180 -6.41 9.77 14.38
C GLY A 180 -7.20 8.58 14.86
N ARG A 181 -6.62 7.39 14.81
CA ARG A 181 -7.32 6.20 15.26
C ARG A 181 -7.32 6.07 16.79
N ASP A 182 -6.46 6.82 17.47
CA ASP A 182 -6.32 6.73 18.94
C ASP A 182 -6.56 7.99 19.75
N SER A 183 -7.24 8.96 19.17
CA SER A 183 -7.53 10.20 19.87
C SER A 183 -8.54 9.95 20.96
N PHE A 184 -8.35 10.67 22.07
CA PHE A 184 -9.22 10.54 23.23
C PHE A 184 -9.29 11.83 24.06
N HIS A 185 -10.52 12.25 24.32
CA HIS A 185 -10.80 13.42 25.09
C HIS A 185 -11.51 12.84 26.31
N PRO A 186 -11.26 13.39 27.51
CA PRO A 186 -11.88 12.92 28.76
C PRO A 186 -13.41 12.79 28.73
N THR A 187 -14.05 13.68 27.99
CA THR A 187 -15.50 13.76 27.85
C THR A 187 -16.03 13.20 26.53
N TYR A 188 -15.57 13.79 25.42
CA TYR A 188 -16.04 13.40 24.09
C TYR A 188 -15.46 12.15 23.42
N GLY A 189 -14.47 11.51 24.05
CA GLY A 189 -13.87 10.32 23.47
C GLY A 189 -13.11 10.66 22.21
N ASN A 190 -13.15 9.75 21.23
CA ASN A 190 -12.51 9.94 19.94
C ASN A 190 -13.47 10.73 19.06
N GLU A 191 -13.13 12.00 18.84
CA GLU A 191 -13.97 12.90 18.06
C GLU A 191 -13.71 12.88 16.56
N LEU A 192 -12.89 11.91 16.14
CA LEU A 192 -12.49 11.71 14.76
C LEU A 192 -13.55 12.11 13.71
N PHE A 193 -14.70 11.46 13.73
CA PHE A 193 -15.74 11.78 12.77
C PHE A 193 -16.99 12.35 13.40
N LEU A 194 -16.90 12.81 14.64
CA LEU A 194 -18.04 13.40 15.35
C LEU A 194 -18.29 14.84 14.90
N ALA A 195 -19.51 15.12 14.42
CA ALA A 195 -19.87 16.47 13.95
C ALA A 195 -20.15 17.50 15.03
N GLY A 196 -21.23 17.30 15.79
CA GLY A 196 -21.59 18.24 16.83
C GLY A 196 -21.61 17.58 18.19
N ARG A 197 -20.87 18.18 19.12
CA ARG A 197 -20.75 17.66 20.48
C ARG A 197 -22.08 17.69 21.27
N GLN A 198 -22.90 18.71 21.05
CA GLN A 198 -24.19 18.83 21.74
C GLN A 198 -25.35 18.83 20.75
N SER A 199 -25.08 18.42 19.52
CA SER A 199 -26.09 18.41 18.48
C SER A 199 -27.35 17.65 18.87
N SER A 200 -28.47 18.18 18.40
CA SER A 200 -29.78 17.61 18.67
C SER A 200 -30.22 16.58 17.62
N ALA A 201 -29.32 16.22 16.71
CA ALA A 201 -29.61 15.27 15.64
C ALA A 201 -29.48 13.80 15.97
N TYR A 202 -30.02 12.95 15.11
CA TYR A 202 -29.92 11.50 15.25
C TYR A 202 -28.44 11.14 15.20
N ALA A 203 -28.06 10.02 15.80
CA ALA A 203 -26.66 9.58 15.79
C ALA A 203 -26.13 9.42 14.36
N GLY A 204 -26.90 8.72 13.51
CA GLY A 204 -26.52 8.49 12.12
C GLY A 204 -26.30 9.74 11.28
N GLN A 205 -26.85 10.86 11.75
CA GLN A 205 -26.73 12.15 11.08
C GLN A 205 -25.85 13.11 11.91
N ASN A 206 -24.98 12.55 12.74
CA ASN A 206 -24.08 13.36 13.54
C ASN A 206 -22.62 12.96 13.28
N PHE A 207 -22.36 12.48 12.08
CA PHE A 207 -21.00 12.13 11.64
C PHE A 207 -20.73 13.20 10.62
N ILE A 208 -19.47 13.57 10.45
CA ILE A 208 -19.16 14.56 9.45
C ILE A 208 -19.45 14.00 8.04
N ALA A 209 -19.71 14.89 7.10
CA ALA A 209 -20.01 14.49 5.75
C ALA A 209 -18.89 13.65 5.14
N GLN A 210 -19.27 12.65 4.34
CA GLN A 210 -18.31 11.78 3.68
C GLN A 210 -17.32 12.60 2.89
N HIS A 211 -17.82 13.59 2.17
CA HIS A 211 -16.96 14.45 1.39
C HIS A 211 -15.97 15.21 2.27
N GLN A 212 -16.27 15.33 3.56
CA GLN A 212 -15.36 16.00 4.50
C GLN A 212 -14.31 15.00 4.95
N MET A 213 -14.60 13.71 4.77
CA MET A 213 -13.68 12.63 5.12
C MET A 213 -12.59 12.49 4.06
N PRO A 214 -11.37 12.07 4.46
CA PRO A 214 -10.25 11.90 3.52
C PRO A 214 -10.63 10.86 2.45
N LEU A 215 -10.06 10.97 1.24
CA LEU A 215 -10.34 10.02 0.16
C LEU A 215 -10.00 8.59 0.60
N LEU A 216 -8.88 8.43 1.30
CA LEU A 216 -8.44 7.12 1.79
C LEU A 216 -9.36 6.52 2.83
N SER A 217 -10.04 7.37 3.60
CA SER A 217 -10.95 6.90 4.65
C SER A 217 -12.22 6.30 4.07
N ARG A 218 -12.79 6.94 3.06
CA ARG A 218 -14.03 6.45 2.47
C ARG A 218 -14.07 6.10 0.99
N SER A 219 -12.94 6.20 0.31
CA SER A 219 -12.94 5.86 -1.10
C SER A 219 -11.99 4.73 -1.36
N ASN A 220 -10.70 5.03 -1.51
CA ASN A 220 -9.70 4.00 -1.78
C ASN A 220 -8.27 4.51 -1.78
N PHE A 221 -7.35 3.58 -2.03
CA PHE A 221 -5.93 3.87 -2.10
C PHE A 221 -5.37 3.22 -3.35
N ASN A 222 -4.65 4.02 -4.13
CA ASN A 222 -4.01 3.57 -5.35
C ASN A 222 -2.50 3.55 -5.03
N PRO A 223 -1.99 2.44 -4.47
CA PRO A 223 -0.58 2.31 -4.12
C PRO A 223 0.40 2.39 -5.29
N GLU A 224 1.65 2.65 -4.96
CA GLU A 224 2.72 2.70 -5.94
C GLU A 224 4.00 2.53 -5.13
N PHE A 225 4.52 1.31 -5.12
CA PHE A 225 5.75 0.98 -4.39
C PHE A 225 6.76 0.24 -5.28
N LEU A 226 8.04 0.35 -4.95
CA LEU A 226 9.10 -0.30 -5.71
C LEU A 226 9.92 -1.23 -4.85
N SER A 227 10.21 -2.40 -5.39
CA SER A 227 11.01 -3.42 -4.72
C SER A 227 12.19 -3.75 -5.58
N VAL A 228 13.40 -3.58 -5.06
CA VAL A 228 14.58 -3.92 -5.83
C VAL A 228 15.12 -5.20 -5.26
N LEU A 229 15.22 -6.21 -6.11
CA LEU A 229 15.75 -7.51 -5.71
C LEU A 229 16.94 -7.89 -6.58
N SER A 230 17.91 -8.59 -6.01
CA SER A 230 19.06 -8.99 -6.81
C SER A 230 19.33 -10.49 -6.72
N HIS A 231 19.56 -11.09 -7.90
CA HIS A 231 19.87 -12.49 -8.03
C HIS A 231 21.38 -12.56 -8.18
N ARG A 232 21.96 -13.49 -7.46
CA ARG A 232 23.39 -13.69 -7.47
C ARG A 232 23.57 -14.96 -8.30
N GLN A 233 23.70 -14.76 -9.63
CA GLN A 233 23.89 -15.82 -10.63
C GLN A 233 24.47 -17.18 -10.17
N ASP A 234 23.67 -17.93 -9.41
CA ASP A 234 24.08 -19.21 -8.86
C ASP A 234 22.89 -19.97 -8.28
N GLY A 235 23.17 -21.03 -7.51
CA GLY A 235 22.14 -21.87 -6.86
C GLY A 235 20.97 -22.29 -7.76
N ALA A 236 20.05 -21.37 -8.01
CA ALA A 236 18.90 -21.68 -8.86
C ALA A 236 18.52 -20.50 -9.73
N LYS A 237 17.82 -20.78 -10.83
CA LYS A 237 17.39 -19.74 -11.74
C LYS A 237 15.99 -19.24 -11.39
N LYS A 238 15.30 -19.95 -10.52
CA LYS A 238 13.97 -19.58 -10.12
C LYS A 238 13.85 -19.16 -8.67
N SER A 239 12.81 -18.38 -8.39
CA SER A 239 12.51 -17.91 -7.05
C SER A 239 11.03 -17.65 -6.96
N LYS A 240 10.55 -17.40 -5.76
CA LYS A 240 9.14 -17.11 -5.56
C LYS A 240 9.03 -15.81 -4.80
N ILE A 241 7.95 -15.09 -5.05
CA ILE A 241 7.71 -13.81 -4.40
C ILE A 241 6.20 -13.67 -4.17
N THR A 242 5.82 -13.16 -3.00
CA THR A 242 4.40 -12.99 -2.65
C THR A 242 4.09 -11.52 -2.38
N VAL A 243 3.05 -11.00 -3.01
CA VAL A 243 2.70 -9.62 -2.77
C VAL A 243 1.34 -9.53 -2.09
N THR A 244 1.31 -8.90 -0.92
CA THR A 244 0.09 -8.74 -0.14
C THR A 244 -0.41 -7.29 -0.11
N TYR A 245 -1.72 -7.12 -0.32
CA TYR A 245 -2.38 -5.82 -0.29
C TYR A 245 -3.44 -6.05 0.78
N GLN A 246 -3.49 -5.17 1.78
CA GLN A 246 -4.43 -5.31 2.89
C GLN A 246 -5.03 -4.00 3.38
N ARG A 247 -6.22 -4.08 3.96
CA ARG A 247 -6.85 -2.90 4.53
C ARG A 247 -7.37 -3.26 5.89
N GLU A 248 -7.11 -2.37 6.85
CA GLU A 248 -7.59 -2.52 8.21
C GLU A 248 -8.80 -1.61 8.28
N MET A 249 -9.97 -2.19 8.49
CA MET A 249 -11.19 -1.40 8.58
C MET A 249 -11.47 -1.16 10.06
N ASP A 250 -11.64 0.12 10.41
CA ASP A 250 -11.93 0.55 11.78
C ASP A 250 -13.42 0.76 11.94
N LEU A 251 -13.93 0.51 13.14
CA LEU A 251 -15.34 0.69 13.46
C LEU A 251 -15.46 1.96 14.30
N TYR A 252 -16.06 3.00 13.74
CA TYR A 252 -16.23 4.25 14.48
C TYR A 252 -17.68 4.40 14.91
N GLN A 253 -17.89 4.62 16.20
CA GLN A 253 -19.24 4.76 16.72
C GLN A 253 -19.36 5.87 17.72
N ILE A 254 -20.57 6.41 17.83
CA ILE A 254 -20.84 7.50 18.75
C ILE A 254 -22.18 7.22 19.39
N ARG A 255 -22.39 7.78 20.58
CA ARG A 255 -23.64 7.62 21.28
C ARG A 255 -23.92 8.73 22.26
N TRP A 256 -25.21 9.00 22.44
CA TRP A 256 -25.70 10.03 23.34
C TRP A 256 -25.99 9.41 24.71
N ASN A 257 -25.57 10.09 25.77
CA ASN A 257 -25.76 9.64 27.16
C ASN A 257 -26.81 10.48 27.93
N GLY A 258 -27.36 11.50 27.27
CA GLY A 258 -28.34 12.33 27.91
C GLY A 258 -27.88 13.77 27.95
N PHE A 259 -26.57 13.97 27.91
CA PHE A 259 -26.03 15.31 27.98
C PHE A 259 -25.06 15.65 26.86
N TYR A 260 -24.38 14.66 26.31
CA TYR A 260 -23.42 14.88 25.22
C TYR A 260 -23.11 13.64 24.39
N TRP A 261 -22.40 13.85 23.26
CA TRP A 261 -21.99 12.76 22.36
C TRP A 261 -20.56 12.34 22.68
N ALA A 262 -20.26 11.05 22.54
CA ALA A 262 -18.93 10.50 22.81
C ALA A 262 -18.60 9.46 21.74
N GLY A 263 -17.40 9.57 21.17
CA GLY A 263 -16.99 8.65 20.15
C GLY A 263 -15.99 7.60 20.58
N ALA A 264 -15.98 6.49 19.86
CA ALA A 264 -15.07 5.39 20.12
C ALA A 264 -14.68 4.78 18.79
N ASN A 265 -13.38 4.54 18.63
CA ASN A 265 -12.84 3.94 17.40
C ASN A 265 -12.17 2.61 17.77
N TYR A 266 -12.62 1.52 17.15
CA TYR A 266 -12.06 0.19 17.38
C TYR A 266 -11.16 -0.12 16.20
N LYS A 267 -9.86 -0.07 16.45
CA LYS A 267 -8.86 -0.29 15.41
C LYS A 267 -8.80 -1.69 14.81
N ASN A 268 -8.81 -1.74 13.48
CA ASN A 268 -8.72 -2.98 12.74
C ASN A 268 -9.75 -3.99 13.21
N PHE A 269 -11.01 -3.56 13.27
CA PHE A 269 -12.09 -4.44 13.72
C PHE A 269 -12.56 -5.43 12.64
N LYS A 270 -12.06 -5.20 11.42
CA LYS A 270 -12.36 -6.01 10.23
C LYS A 270 -11.18 -5.85 9.26
N THR A 271 -10.52 -6.95 8.94
CA THR A 271 -9.37 -6.97 8.02
C THR A 271 -9.73 -7.74 6.77
N ARG A 272 -9.27 -7.27 5.61
CA ARG A 272 -9.51 -7.93 4.33
C ARG A 272 -8.15 -7.97 3.66
N THR A 273 -7.73 -9.16 3.22
CA THR A 273 -6.40 -9.30 2.64
C THR A 273 -6.36 -10.10 1.35
N PHE A 274 -5.60 -9.62 0.37
CA PHE A 274 -5.44 -10.32 -0.93
C PHE A 274 -3.96 -10.62 -1.07
N LYS A 275 -3.64 -11.86 -1.39
CA LYS A 275 -2.26 -12.27 -1.49
C LYS A 275 -2.03 -13.11 -2.73
N SER A 276 -1.03 -12.75 -3.52
CA SER A 276 -0.71 -13.50 -4.73
C SER A 276 0.74 -13.95 -4.68
N THR A 277 1.03 -15.03 -5.38
CA THR A 277 2.38 -15.61 -5.40
C THR A 277 2.82 -15.88 -6.82
N TYR A 278 4.05 -15.48 -7.12
CA TYR A 278 4.63 -15.65 -8.45
C TYR A 278 5.95 -16.39 -8.43
N GLU A 279 6.22 -17.01 -9.56
CA GLU A 279 7.46 -17.72 -9.77
C GLU A 279 8.19 -16.79 -10.71
N ILE A 280 9.33 -16.26 -10.25
CA ILE A 280 10.14 -15.36 -11.06
C ILE A 280 11.23 -16.20 -11.79
N ASP A 281 11.12 -16.33 -13.11
CA ASP A 281 12.11 -17.06 -13.92
C ASP A 281 13.18 -16.04 -14.30
N TRP A 282 14.26 -16.02 -13.53
CA TRP A 282 15.36 -15.09 -13.73
C TRP A 282 16.19 -15.27 -15.00
N GLU A 283 16.10 -16.41 -15.64
CA GLU A 283 16.89 -16.63 -16.84
C GLU A 283 16.15 -16.23 -18.11
N ASN A 284 14.88 -16.60 -18.18
CA ASN A 284 14.03 -16.30 -19.33
C ASN A 284 13.18 -15.08 -19.07
N HIS A 285 13.45 -14.42 -17.94
CA HIS A 285 12.81 -13.18 -17.46
C HIS A 285 11.29 -13.18 -17.54
N LYS A 286 10.68 -14.20 -16.96
CA LYS A 286 9.23 -14.31 -16.98
C LYS A 286 8.69 -14.67 -15.61
N VAL A 287 7.43 -14.30 -15.36
CA VAL A 287 6.81 -14.64 -14.08
C VAL A 287 5.61 -15.54 -14.36
N LYS A 288 5.28 -16.41 -13.39
CA LYS A 288 4.16 -17.33 -13.53
C LYS A 288 3.32 -17.26 -12.24
N LEU A 289 2.00 -17.22 -12.39
CA LEU A 289 1.08 -17.14 -11.26
C LEU A 289 0.86 -18.49 -10.61
N LEU A 290 1.25 -18.60 -9.34
CA LEU A 290 1.10 -19.82 -8.56
C LEU A 290 -0.18 -19.92 -7.70
N ASP A 291 -0.57 -18.84 -7.02
CA ASP A 291 -1.74 -18.90 -6.14
C ASP A 291 -2.18 -17.57 -5.54
N THR A 292 -3.47 -17.24 -5.69
CA THR A 292 -4.01 -16.02 -5.09
C THR A 292 -4.86 -16.50 -3.92
N LYS A 293 -4.69 -15.91 -2.72
CA LYS A 293 -5.48 -16.31 -1.57
C LYS A 293 -6.15 -15.13 -0.89
N GLU A 294 -7.49 -15.10 -0.93
CA GLU A 294 -8.27 -14.04 -0.28
C GLU A 294 -8.53 -14.47 1.18
N THR A 295 -8.21 -13.59 2.14
CA THR A 295 -8.45 -13.89 3.56
C THR A 295 -9.02 -12.69 4.31
N GLU A 296 -9.71 -12.96 5.41
CA GLU A 296 -10.32 -11.90 6.21
C GLU A 296 -10.37 -12.24 7.70
N ASN A 297 -10.30 -11.22 8.54
CA ASN A 297 -10.37 -11.37 10.00
C ASN A 297 -11.51 -10.47 10.49
N ASN A 298 -12.30 -10.94 11.45
CA ASN A 298 -13.43 -10.15 11.94
C ASN A 298 -13.52 -10.22 13.46
N LYS A 299 -13.37 -9.09 14.12
CA LYS A 299 -13.48 -9.06 15.58
C LYS A 299 -14.93 -9.11 16.11
#